data_2DX0
#
_entry.id   2DX0
#
_cell.length_a   80.905
_cell.length_b   80.905
_cell.length_c   133.734
_cell.angle_alpha   90.00
_cell.angle_beta   90.00
_cell.angle_gamma   90.00
#
_symmetry.space_group_name_H-M   'P 41 21 2'
#
loop_
_entity.id
_entity.type
_entity.pdbx_description
1 polymer 'Phospholipase C, gamma 2'
2 non-polymer 'SULFATE ION'
3 water water
#
_entity_poly.entity_id   1
_entity_poly.type   'polypeptide(L)'
_entity_poly.pdbx_seq_one_letter_code
;GSSGSSGEPVQDTPPTELHFGEKWFHKKVESRTSAEKLLQEYCAETGAKDGTFLVRESETFPNDYTLSFWRSGRVQHCRI
RSTMENGVMKYYLTDNLTFNSIYALIQHYREAHLRCAEFELRLTDPVPNPNPSGPSSG
;
_entity_poly.pdbx_strand_id   A,B
#
# COMPACT_ATOMS: atom_id res chain seq x y z
N ASP A 12 19.30 -1.65 17.77
CA ASP A 12 19.11 -2.39 16.49
C ASP A 12 18.53 -1.46 15.42
N THR A 13 18.13 -0.25 15.83
CA THR A 13 17.59 0.74 14.91
C THR A 13 18.76 1.23 14.05
N PRO A 14 18.51 1.43 12.74
CA PRO A 14 19.58 1.88 11.85
C PRO A 14 20.26 3.18 12.30
N PRO A 15 21.58 3.27 12.08
CA PRO A 15 22.39 4.44 12.45
C PRO A 15 21.90 5.78 11.88
N THR A 16 21.14 5.73 10.79
CA THR A 16 20.61 6.95 10.19
C THR A 16 19.48 7.56 11.04
N GLU A 17 19.07 6.87 12.10
CA GLU A 17 17.99 7.35 12.95
C GLU A 17 18.42 7.63 14.38
N LEU A 18 19.72 7.49 14.63
CA LEU A 18 20.29 7.71 15.97
C LEU A 18 19.79 8.90 16.78
N HIS A 19 19.70 10.07 16.14
CA HIS A 19 19.26 11.27 16.87
C HIS A 19 17.80 11.70 16.65
N PHE A 20 16.95 10.80 16.18
CA PHE A 20 15.55 11.13 15.94
C PHE A 20 14.59 10.37 16.85
N GLY A 21 13.55 11.06 17.30
CA GLY A 21 12.55 10.43 18.13
C GLY A 21 11.62 9.73 17.15
N GLU A 22 11.43 8.42 17.31
CA GLU A 22 10.58 7.66 16.41
C GLU A 22 9.65 6.70 17.16
N LYS A 23 8.54 7.22 17.68
CA LYS A 23 7.60 6.37 18.43
C LYS A 23 7.05 5.23 17.58
N TRP A 24 6.98 5.47 16.28
CA TRP A 24 6.45 4.54 15.31
C TRP A 24 7.40 3.44 14.85
N PHE A 25 8.66 3.49 15.27
CA PHE A 25 9.61 2.46 14.83
C PHE A 25 9.61 1.25 15.75
N HIS A 26 9.28 0.07 15.21
CA HIS A 26 9.25 -1.16 16.00
C HIS A 26 10.04 -2.30 15.40
N LYS A 27 11.31 -2.42 15.78
CA LYS A 27 12.13 -3.53 15.28
C LYS A 27 11.69 -4.85 15.88
N LYS A 28 10.83 -4.78 16.92
CA LYS A 28 10.32 -5.97 17.59
C LYS A 28 9.26 -6.69 16.76
N VAL A 29 8.42 -5.92 16.06
CA VAL A 29 7.36 -6.49 15.22
C VAL A 29 8.01 -7.20 14.03
N GLU A 30 8.28 -8.49 14.19
CA GLU A 30 8.94 -9.24 13.12
C GLU A 30 8.04 -10.03 12.19
N SER A 31 6.81 -9.56 11.97
CA SER A 31 5.90 -10.27 11.08
C SER A 31 4.80 -9.38 10.51
N ARG A 32 4.45 -9.62 9.25
CA ARG A 32 3.39 -8.86 8.61
C ARG A 32 2.08 -9.11 9.39
N THR A 33 1.87 -10.36 9.78
CA THR A 33 0.66 -10.71 10.51
C THR A 33 0.65 -10.03 11.88
N SER A 34 1.80 -10.02 12.53
CA SER A 34 1.94 -9.38 13.84
C SER A 34 1.62 -7.89 13.74
N ALA A 35 2.09 -7.26 12.67
CA ALA A 35 1.85 -5.84 12.45
C ALA A 35 0.36 -5.51 12.32
N GLU A 36 -0.37 -6.35 11.59
CA GLU A 36 -1.79 -6.12 11.39
C GLU A 36 -2.60 -6.29 12.68
N LYS A 37 -2.16 -7.19 13.56
CA LYS A 37 -2.85 -7.41 14.83
C LYS A 37 -2.64 -6.20 15.72
N LEU A 38 -1.39 -5.76 15.79
CA LEU A 38 -1.04 -4.61 16.60
C LEU A 38 -1.86 -3.40 16.15
N LEU A 39 -1.98 -3.24 14.84
CA LEU A 39 -2.75 -2.12 14.30
C LEU A 39 -4.22 -2.29 14.62
N GLN A 40 -4.75 -3.51 14.48
CA GLN A 40 -6.15 -3.72 14.80
C GLN A 40 -6.40 -3.42 16.28
N GLU A 41 -5.64 -4.03 17.17
CA GLU A 41 -5.83 -3.81 18.59
C GLU A 41 -5.80 -2.34 18.96
N TYR A 42 -4.80 -1.63 18.44
CA TYR A 42 -4.64 -0.22 18.75
C TYR A 42 -5.63 0.70 18.02
N CYS A 43 -6.05 0.32 16.82
CA CYS A 43 -6.95 1.16 16.03
C CYS A 43 -8.45 0.85 15.99
N ALA A 44 -8.79 -0.43 15.87
CA ALA A 44 -10.19 -0.86 15.75
C ALA A 44 -11.28 -0.21 16.58
N GLU A 45 -11.06 -0.04 17.88
CA GLU A 45 -12.10 0.53 18.74
C GLU A 45 -11.67 1.74 19.56
N THR A 46 -10.49 2.26 19.25
CA THR A 46 -9.94 3.41 19.97
C THR A 46 -10.16 4.74 19.24
N GLY A 47 -10.84 4.68 18.09
CA GLY A 47 -11.10 5.90 17.34
C GLY A 47 -9.87 6.45 16.62
N ALA A 48 -8.83 5.64 16.53
CA ALA A 48 -7.59 6.03 15.87
C ALA A 48 -7.82 6.57 14.45
N LYS A 49 -7.05 7.60 14.09
CA LYS A 49 -7.15 8.21 12.77
C LYS A 49 -6.59 7.29 11.68
N ASP A 50 -7.08 7.48 10.47
CA ASP A 50 -6.56 6.70 9.35
C ASP A 50 -5.16 7.28 9.17
N GLY A 51 -4.21 6.45 8.77
CA GLY A 51 -2.85 6.93 8.61
C GLY A 51 -2.01 6.52 9.82
N THR A 52 -2.66 5.94 10.82
CA THR A 52 -1.94 5.47 12.00
C THR A 52 -1.05 4.39 11.43
N PHE A 53 0.21 4.40 11.84
CA PHE A 53 1.19 3.49 11.27
C PHE A 53 2.33 3.08 12.20
N LEU A 54 3.22 2.29 11.62
CA LEU A 54 4.39 1.81 12.30
C LEU A 54 5.36 1.42 11.20
N VAL A 55 6.64 1.38 11.53
CA VAL A 55 7.67 0.98 10.59
C VAL A 55 8.35 -0.24 11.20
N ARG A 56 8.66 -1.22 10.37
CA ARG A 56 9.27 -2.44 10.84
C ARG A 56 10.24 -2.93 9.78
N GLU A 57 11.11 -3.87 10.15
CA GLU A 57 12.05 -4.43 9.19
C GLU A 57 11.26 -5.33 8.25
N SER A 58 11.64 -5.35 6.99
CA SER A 58 10.94 -6.19 6.03
C SER A 58 11.10 -7.66 6.38
N GLU A 59 10.01 -8.41 6.23
CA GLU A 59 10.03 -9.83 6.51
C GLU A 59 10.29 -10.56 5.20
N THR A 60 10.34 -9.81 4.11
CA THR A 60 10.56 -10.38 2.79
C THR A 60 11.90 -9.98 2.19
N PHE A 61 12.23 -8.69 2.28
CA PHE A 61 13.48 -8.21 1.69
C PHE A 61 14.53 -7.75 2.69
N PRO A 62 15.73 -8.34 2.61
CA PRO A 62 16.85 -8.00 3.50
C PRO A 62 17.27 -6.53 3.34
N ASN A 63 17.66 -5.92 4.45
CA ASN A 63 18.11 -4.53 4.47
C ASN A 63 16.97 -3.54 4.33
N ASP A 64 15.80 -4.02 3.88
CA ASP A 64 14.66 -3.15 3.68
C ASP A 64 13.71 -3.11 4.87
N TYR A 65 12.84 -2.12 4.89
CA TYR A 65 11.86 -1.99 5.96
C TYR A 65 10.48 -1.98 5.34
N THR A 66 9.45 -1.93 6.18
CA THR A 66 8.07 -1.92 5.69
C THR A 66 7.25 -0.91 6.46
N LEU A 67 6.41 -0.18 5.74
CA LEU A 67 5.54 0.80 6.36
C LEU A 67 4.14 0.15 6.41
N SER A 68 3.60 0.04 7.61
CA SER A 68 2.26 -0.56 7.79
C SER A 68 1.35 0.47 8.44
N PHE A 69 0.29 0.84 7.73
CA PHE A 69 -0.64 1.82 8.26
C PHE A 69 -2.09 1.37 8.19
N TRP A 70 -2.92 2.07 8.94
CA TRP A 70 -4.33 1.80 9.07
C TRP A 70 -5.24 2.70 8.25
N ARG A 71 -6.25 2.10 7.66
CA ARG A 71 -7.26 2.78 6.85
C ARG A 71 -8.61 2.08 7.06
N SER A 72 -9.33 2.54 8.08
CA SER A 72 -10.65 2.02 8.45
C SER A 72 -10.87 0.53 8.19
N GLY A 73 -10.34 -0.31 9.08
CA GLY A 73 -10.51 -1.74 8.92
C GLY A 73 -9.54 -2.39 7.95
N ARG A 74 -8.67 -1.58 7.35
CA ARG A 74 -7.69 -2.11 6.40
C ARG A 74 -6.28 -1.77 6.87
N VAL A 75 -5.33 -2.60 6.48
CA VAL A 75 -3.94 -2.36 6.81
C VAL A 75 -3.15 -2.57 5.53
N GLN A 76 -2.42 -1.53 5.12
CA GLN A 76 -1.58 -1.59 3.92
C GLN A 76 -0.14 -1.68 4.35
N HIS A 77 0.66 -2.34 3.53
CA HIS A 77 2.08 -2.51 3.79
C HIS A 77 2.86 -2.00 2.57
N CYS A 78 3.75 -1.05 2.80
CA CYS A 78 4.54 -0.48 1.72
C CYS A 78 6.02 -0.72 2.01
N ARG A 79 6.71 -1.36 1.07
CA ARG A 79 8.13 -1.61 1.25
C ARG A 79 8.92 -0.32 1.17
N ILE A 80 9.83 -0.15 2.11
CA ILE A 80 10.71 0.99 2.13
C ILE A 80 12.07 0.44 1.69
N ARG A 81 12.47 0.76 0.47
CA ARG A 81 13.76 0.30 -0.03
C ARG A 81 14.87 1.16 0.54
N SER A 82 16.05 0.56 0.72
CA SER A 82 17.20 1.29 1.25
C SER A 82 18.46 0.89 0.50
N THR A 83 18.96 1.82 -0.32
CA THR A 83 20.16 1.57 -1.09
C THR A 83 21.21 2.66 -0.88
N MET A 84 22.46 2.32 -1.15
CA MET A 84 23.55 3.27 -1.02
C MET A 84 23.67 4.00 -2.34
N GLU A 85 23.76 5.32 -2.29
CA GLU A 85 23.88 6.13 -3.49
C GLU A 85 25.04 7.11 -3.28
N ASN A 86 26.14 6.86 -3.98
CA ASN A 86 27.36 7.66 -3.89
C ASN A 86 27.83 7.75 -2.45
N GLY A 87 27.88 6.61 -1.79
CA GLY A 87 28.32 6.57 -0.40
C GLY A 87 27.30 7.04 0.61
N VAL A 88 26.06 7.26 0.20
CA VAL A 88 25.03 7.73 1.14
C VAL A 88 23.78 6.87 1.12
N MET A 89 23.30 6.53 2.30
CA MET A 89 22.08 5.72 2.39
C MET A 89 20.84 6.48 1.98
N LYS A 90 20.03 5.85 1.14
CA LYS A 90 18.79 6.43 0.66
C LYS A 90 17.64 5.48 0.99
N TYR A 91 16.54 6.06 1.44
CA TYR A 91 15.33 5.32 1.78
C TYR A 91 14.24 5.89 0.88
N TYR A 92 13.35 5.02 0.39
CA TYR A 92 12.28 5.50 -0.47
C TYR A 92 11.18 4.48 -0.71
N LEU A 93 10.01 4.98 -1.07
CA LEU A 93 8.89 4.11 -1.40
C LEU A 93 8.99 3.94 -2.92
N THR A 94 9.13 5.07 -3.61
CA THR A 94 9.28 5.09 -5.06
C THR A 94 10.61 5.84 -5.32
N ASP A 95 11.40 5.38 -6.28
CA ASP A 95 12.68 6.03 -6.52
C ASP A 95 12.59 7.45 -7.10
N ASN A 96 11.42 8.08 -6.97
CA ASN A 96 11.21 9.45 -7.45
C ASN A 96 11.80 10.41 -6.41
N LEU A 97 11.64 10.05 -5.15
CA LEU A 97 12.16 10.87 -4.08
C LEU A 97 12.73 10.00 -2.98
N THR A 98 13.96 10.30 -2.63
CA THR A 98 14.66 9.56 -1.61
C THR A 98 14.92 10.43 -0.40
N PHE A 99 15.23 9.78 0.72
CA PHE A 99 15.49 10.47 1.97
C PHE A 99 16.71 9.87 2.65
N ASN A 100 17.42 10.69 3.40
CA ASN A 100 18.62 10.23 4.09
C ASN A 100 18.27 9.51 5.39
N SER A 101 16.99 9.50 5.73
CA SER A 101 16.56 8.83 6.94
C SER A 101 15.10 8.41 6.83
N ILE A 102 14.72 7.38 7.57
CA ILE A 102 13.35 6.94 7.57
C ILE A 102 12.54 8.09 8.20
N TYR A 103 13.14 8.75 9.18
CA TYR A 103 12.52 9.89 9.84
C TYR A 103 11.99 10.91 8.81
N ALA A 104 12.85 11.31 7.88
CA ALA A 104 12.47 12.29 6.87
C ALA A 104 11.42 11.74 5.91
N LEU A 105 11.47 10.44 5.65
CA LEU A 105 10.51 9.81 4.76
C LEU A 105 9.14 9.87 5.43
N ILE A 106 9.11 9.59 6.73
CA ILE A 106 7.87 9.63 7.49
C ILE A 106 7.27 11.02 7.57
N GLN A 107 8.08 12.02 7.95
CA GLN A 107 7.58 13.38 8.06
C GLN A 107 7.02 13.85 6.71
N HIS A 108 7.70 13.49 5.63
CA HIS A 108 7.24 13.87 4.30
C HIS A 108 5.85 13.31 4.00
N TYR A 109 5.66 12.03 4.28
CA TYR A 109 4.39 11.41 4.02
C TYR A 109 3.30 11.73 5.05
N ARG A 110 3.65 12.64 5.96
CA ARG A 110 2.71 13.11 6.96
C ARG A 110 2.13 14.41 6.40
N GLU A 111 2.77 14.92 5.34
CA GLU A 111 2.36 16.16 4.70
C GLU A 111 1.95 15.96 3.25
N ALA A 112 2.27 14.79 2.69
CA ALA A 112 1.94 14.51 1.31
C ALA A 112 1.40 13.08 1.20
N HIS A 113 0.38 12.89 0.37
CA HIS A 113 -0.21 11.58 0.21
C HIS A 113 0.82 10.53 -0.18
N LEU A 114 0.63 9.32 0.33
CA LEU A 114 1.51 8.20 0.05
C LEU A 114 1.40 7.76 -1.40
N ARG A 115 2.51 7.24 -1.90
CA ARG A 115 2.61 6.73 -3.26
C ARG A 115 3.56 5.54 -3.16
N CYS A 116 3.01 4.38 -2.86
CA CYS A 116 3.78 3.15 -2.67
C CYS A 116 4.17 2.44 -3.98
N ALA A 117 5.28 1.71 -3.91
CA ALA A 117 5.77 0.96 -5.06
C ALA A 117 4.87 -0.23 -5.42
N GLU A 118 4.08 -0.72 -4.46
CA GLU A 118 3.22 -1.86 -4.76
C GLU A 118 2.13 -1.49 -5.74
N PHE A 119 2.00 -0.21 -6.05
CA PHE A 119 0.99 0.24 -7.01
C PHE A 119 1.62 0.84 -8.25
N GLU A 120 2.95 0.92 -8.26
CA GLU A 120 3.68 1.47 -9.41
C GLU A 120 3.79 0.45 -10.54
N LEU A 121 2.66 0.09 -11.14
CA LEU A 121 2.67 -0.86 -12.23
C LEU A 121 1.34 -0.84 -12.96
N ARG A 122 1.28 -1.55 -14.09
CA ARG A 122 0.07 -1.63 -14.88
C ARG A 122 -0.55 -3.00 -14.65
N LEU A 123 -1.87 -3.09 -14.79
CA LEU A 123 -2.52 -4.39 -14.64
C LEU A 123 -2.09 -5.16 -15.88
N THR A 124 -2.02 -6.48 -15.78
CA THR A 124 -1.63 -7.25 -16.95
C THR A 124 -2.74 -8.17 -17.41
N ASP A 125 -2.76 -9.38 -16.88
CA ASP A 125 -3.76 -10.37 -17.30
C ASP A 125 -4.81 -10.76 -16.26
N PRO A 126 -6.07 -10.79 -16.69
CA PRO A 126 -7.18 -11.15 -15.80
C PRO A 126 -7.14 -12.66 -15.61
N VAL A 127 -7.33 -13.11 -14.37
CA VAL A 127 -7.32 -14.53 -14.11
C VAL A 127 -8.46 -15.17 -14.90
N PRO A 128 -8.17 -16.25 -15.64
CA PRO A 128 -9.14 -16.99 -16.46
C PRO A 128 -10.30 -17.56 -15.63
N SER B 34 -11.56 -17.68 -0.91
CA SER B 34 -11.92 -16.31 -1.39
C SER B 34 -11.12 -15.95 -2.64
N ALA B 35 -11.57 -14.93 -3.36
CA ALA B 35 -10.91 -14.48 -4.56
C ALA B 35 -9.44 -14.16 -4.27
N GLU B 36 -9.18 -13.74 -3.03
CA GLU B 36 -7.82 -13.40 -2.60
C GLU B 36 -6.98 -14.67 -2.69
N LYS B 37 -7.61 -15.81 -2.41
CA LYS B 37 -6.95 -17.10 -2.45
C LYS B 37 -6.83 -17.63 -3.87
N LEU B 38 -7.86 -17.40 -4.69
CA LEU B 38 -7.83 -17.84 -6.07
C LEU B 38 -6.60 -17.27 -6.75
N LEU B 39 -6.37 -15.97 -6.56
CA LEU B 39 -5.21 -15.30 -7.15
C LEU B 39 -3.94 -15.93 -6.61
N GLN B 40 -3.92 -16.16 -5.30
CA GLN B 40 -2.78 -16.76 -4.63
C GLN B 40 -2.35 -18.01 -5.39
N GLU B 41 -3.27 -18.97 -5.48
CA GLU B 41 -3.01 -20.23 -6.18
C GLU B 41 -2.45 -19.95 -7.56
N TYR B 42 -3.36 -19.62 -8.47
CA TYR B 42 -3.04 -19.33 -9.85
C TYR B 42 -1.70 -18.64 -10.05
N CYS B 43 -1.46 -17.54 -9.34
CA CYS B 43 -0.21 -16.81 -9.48
C CYS B 43 1.03 -17.55 -9.00
N ALA B 44 0.95 -18.15 -7.82
CA ALA B 44 2.07 -18.89 -7.27
C ALA B 44 2.35 -20.12 -8.13
N GLU B 45 1.27 -20.78 -8.55
CA GLU B 45 1.35 -21.99 -9.37
C GLU B 45 1.32 -21.71 -10.87
N THR B 46 1.88 -20.57 -11.28
CA THR B 46 1.91 -20.19 -12.68
C THR B 46 3.08 -19.27 -12.96
N GLY B 47 3.67 -18.76 -11.87
CA GLY B 47 4.79 -17.85 -12.03
C GLY B 47 4.23 -16.58 -12.64
N ALA B 48 2.91 -16.41 -12.47
CA ALA B 48 2.20 -15.25 -13.00
C ALA B 48 2.90 -13.96 -12.59
N LYS B 49 3.13 -13.11 -13.58
CA LYS B 49 3.79 -11.83 -13.35
C LYS B 49 2.90 -10.86 -12.60
N ASP B 50 3.51 -9.84 -12.02
CA ASP B 50 2.75 -8.84 -11.28
C ASP B 50 1.76 -8.23 -12.25
N GLY B 51 0.60 -7.84 -11.74
CA GLY B 51 -0.41 -7.25 -12.60
C GLY B 51 -1.57 -8.18 -12.89
N THR B 52 -1.42 -9.46 -12.55
CA THR B 52 -2.49 -10.42 -12.77
C THR B 52 -3.60 -10.05 -11.79
N PHE B 53 -4.78 -9.81 -12.33
CA PHE B 53 -5.88 -9.35 -11.50
C PHE B 53 -7.20 -10.04 -11.77
N LEU B 54 -8.21 -9.52 -11.09
CA LEU B 54 -9.59 -9.97 -11.22
C LEU B 54 -10.41 -8.92 -10.48
N VAL B 55 -11.62 -8.66 -10.97
CA VAL B 55 -12.49 -7.68 -10.36
C VAL B 55 -13.70 -8.40 -9.82
N ARG B 56 -14.02 -8.16 -8.56
CA ARG B 56 -15.17 -8.79 -7.92
C ARG B 56 -16.14 -7.74 -7.41
N GLU B 57 -17.42 -8.10 -7.43
CA GLU B 57 -18.48 -7.23 -6.96
C GLU B 57 -18.42 -7.06 -5.44
N SER B 58 -18.62 -5.83 -4.99
CA SER B 58 -18.60 -5.51 -3.56
C SER B 58 -19.54 -6.43 -2.76
N GLU B 59 -19.51 -6.29 -1.45
CA GLU B 59 -20.35 -7.11 -0.59
C GLU B 59 -21.65 -6.43 -0.18
N THR B 60 -21.59 -5.15 0.16
CA THR B 60 -22.82 -4.46 0.56
C THR B 60 -23.05 -3.14 -0.19
N PHE B 61 -21.97 -2.43 -0.49
CA PHE B 61 -22.07 -1.17 -1.22
C PHE B 61 -22.41 -1.41 -2.68
N ASP B 64 -20.22 -0.57 -6.25
CA ASP B 64 -18.80 -0.78 -6.05
C ASP B 64 -18.30 -2.20 -6.39
N TYR B 65 -17.03 -2.25 -6.76
CA TYR B 65 -16.36 -3.50 -7.08
C TYR B 65 -15.01 -3.37 -6.40
N THR B 66 -14.31 -4.49 -6.28
CA THR B 66 -12.99 -4.48 -5.66
C THR B 66 -12.01 -5.03 -6.68
N LEU B 67 -10.88 -4.36 -6.83
CA LEU B 67 -9.85 -4.80 -7.76
C LEU B 67 -8.75 -5.49 -6.97
N SER B 68 -8.37 -6.68 -7.41
CA SER B 68 -7.30 -7.44 -6.74
C SER B 68 -6.24 -7.84 -7.76
N PHE B 69 -4.98 -7.63 -7.42
CA PHE B 69 -3.91 -7.98 -8.33
C PHE B 69 -2.67 -8.55 -7.65
N TRP B 70 -1.92 -9.33 -8.42
CA TRP B 70 -0.70 -9.97 -7.97
C TRP B 70 0.46 -9.00 -7.99
N ARG B 71 1.19 -8.92 -6.88
CA ARG B 71 2.31 -7.99 -6.78
C ARG B 71 3.37 -8.45 -5.78
N SER B 72 4.50 -8.91 -6.31
CA SER B 72 5.61 -9.37 -5.48
C SER B 72 5.20 -10.35 -4.38
N GLY B 73 4.60 -11.47 -4.76
CA GLY B 73 4.21 -12.47 -3.79
C GLY B 73 2.96 -12.16 -2.98
N ARG B 74 2.50 -10.92 -3.01
CA ARG B 74 1.30 -10.54 -2.26
C ARG B 74 0.14 -10.17 -3.18
N VAL B 75 -1.08 -10.30 -2.66
CA VAL B 75 -2.27 -9.93 -3.41
C VAL B 75 -2.69 -8.57 -2.86
N GLN B 76 -2.67 -7.56 -3.72
CA GLN B 76 -3.07 -6.22 -3.31
C GLN B 76 -4.49 -5.99 -3.76
N HIS B 77 -5.09 -4.90 -3.28
CA HIS B 77 -6.45 -4.60 -3.67
C HIS B 77 -6.73 -3.12 -3.52
N CYS B 78 -7.78 -2.67 -4.21
CA CYS B 78 -8.19 -1.28 -4.16
C CYS B 78 -9.67 -1.24 -4.54
N ARG B 79 -10.42 -0.42 -3.82
CA ARG B 79 -11.84 -0.30 -4.09
C ARG B 79 -12.13 0.56 -5.31
N ILE B 80 -13.08 0.10 -6.12
CA ILE B 80 -13.50 0.84 -7.29
C ILE B 80 -14.77 1.53 -6.85
N ARG B 81 -14.75 2.85 -6.86
CA ARG B 81 -15.90 3.63 -6.45
C ARG B 81 -16.67 4.11 -7.66
N SER B 82 -17.85 4.67 -7.41
CA SER B 82 -18.70 5.20 -8.47
C SER B 82 -19.37 6.48 -7.98
N THR B 83 -19.80 7.31 -8.92
CA THR B 83 -20.49 8.55 -8.60
C THR B 83 -21.28 8.97 -9.81
N MET B 84 -21.95 10.11 -9.68
CA MET B 84 -22.73 10.67 -10.76
C MET B 84 -22.00 11.95 -11.13
N GLU B 85 -21.61 12.06 -12.39
CA GLU B 85 -20.90 13.21 -12.86
C GLU B 85 -21.82 13.87 -13.88
N ASN B 86 -22.51 14.93 -13.45
CA ASN B 86 -23.41 15.64 -14.34
C ASN B 86 -24.49 14.70 -14.89
N GLY B 87 -25.05 13.86 -14.01
CA GLY B 87 -26.09 12.94 -14.42
C GLY B 87 -25.68 11.61 -15.02
N VAL B 88 -24.39 11.42 -15.28
CA VAL B 88 -23.92 10.17 -15.86
C VAL B 88 -23.10 9.35 -14.87
N MET B 89 -23.38 8.06 -14.81
CA MET B 89 -22.69 7.14 -13.91
C MET B 89 -21.21 7.01 -14.30
N LYS B 90 -20.32 7.06 -13.32
CA LYS B 90 -18.89 6.93 -13.58
C LYS B 90 -18.21 6.02 -12.55
N TYR B 91 -17.04 5.52 -12.89
CA TYR B 91 -16.25 4.66 -12.02
C TYR B 91 -14.84 5.22 -11.95
N TYR B 92 -14.15 4.96 -10.85
CA TYR B 92 -12.79 5.44 -10.71
C TYR B 92 -12.04 4.75 -9.59
N LEU B 93 -10.72 4.86 -9.66
CA LEU B 93 -9.84 4.33 -8.64
C LEU B 93 -9.34 5.56 -7.87
N THR B 94 -9.20 6.67 -8.60
CA THR B 94 -8.78 7.93 -8.02
C THR B 94 -9.71 9.01 -8.60
N ASP B 95 -10.11 9.93 -7.74
CA ASP B 95 -11.05 11.02 -8.08
C ASP B 95 -10.87 11.85 -9.35
N ASN B 96 -9.63 12.12 -9.74
CA ASN B 96 -9.40 12.95 -10.93
C ASN B 96 -9.51 12.25 -12.29
N LEU B 97 -9.86 10.97 -12.30
CA LEU B 97 -9.99 10.25 -13.57
C LEU B 97 -11.10 9.21 -13.50
N THR B 98 -12.24 9.55 -14.11
CA THR B 98 -13.40 8.67 -14.09
C THR B 98 -13.62 7.95 -15.43
N PHE B 99 -14.40 6.88 -15.38
CA PHE B 99 -14.69 6.09 -16.56
C PHE B 99 -16.17 5.72 -16.67
N ASN B 100 -16.61 5.42 -17.89
CA ASN B 100 -17.99 5.04 -18.16
C ASN B 100 -18.28 3.62 -17.71
N SER B 101 -17.23 2.82 -17.58
CA SER B 101 -17.43 1.43 -17.22
C SER B 101 -16.21 0.80 -16.62
N ILE B 102 -16.41 -0.39 -16.05
CA ILE B 102 -15.32 -1.14 -15.46
C ILE B 102 -14.34 -1.54 -16.58
N TYR B 103 -14.89 -1.89 -17.75
CA TYR B 103 -14.05 -2.26 -18.88
C TYR B 103 -13.04 -1.16 -19.18
N ALA B 104 -13.55 0.06 -19.34
CA ALA B 104 -12.71 1.21 -19.67
C ALA B 104 -11.73 1.51 -18.53
N LEU B 105 -12.16 1.30 -17.29
CA LEU B 105 -11.29 1.55 -16.16
C LEU B 105 -10.12 0.57 -16.22
N ILE B 106 -10.41 -0.73 -16.31
CA ILE B 106 -9.35 -1.72 -16.37
C ILE B 106 -8.38 -1.50 -17.54
N GLN B 107 -8.91 -1.37 -18.76
CA GLN B 107 -8.06 -1.17 -19.92
C GLN B 107 -7.13 0.03 -19.77
N HIS B 108 -7.61 1.09 -19.12
CA HIS B 108 -6.75 2.24 -18.95
C HIS B 108 -5.57 1.89 -18.04
N TYR B 109 -5.84 1.23 -16.92
CA TYR B 109 -4.78 0.86 -16.00
C TYR B 109 -4.00 -0.34 -16.50
N ARG B 110 -4.21 -0.63 -17.77
CA ARG B 110 -3.54 -1.71 -18.46
C ARG B 110 -2.44 -1.02 -19.26
N GLU B 111 -2.62 0.28 -19.47
CA GLU B 111 -1.71 1.13 -20.24
C GLU B 111 -1.04 2.23 -19.42
N ALA B 112 -1.48 2.39 -18.19
CA ALA B 112 -0.91 3.40 -17.30
C ALA B 112 -0.86 2.74 -15.94
N HIS B 113 0.12 3.11 -15.13
CA HIS B 113 0.24 2.49 -13.82
C HIS B 113 -0.92 2.87 -12.90
N LEU B 114 -1.26 1.92 -12.04
CA LEU B 114 -2.34 2.07 -11.09
C LEU B 114 -2.26 3.29 -10.17
N ARG B 115 -3.42 3.70 -9.70
CA ARG B 115 -3.59 4.81 -8.78
C ARG B 115 -4.70 4.33 -7.86
N CYS B 116 -4.49 4.43 -6.56
CA CYS B 116 -5.49 3.97 -5.61
C CYS B 116 -5.79 5.01 -4.54
N ALA B 117 -6.81 5.83 -4.79
CA ALA B 117 -7.20 6.88 -3.86
C ALA B 117 -7.52 6.34 -2.47
N GLU B 118 -7.87 5.06 -2.38
CA GLU B 118 -8.19 4.47 -1.08
C GLU B 118 -6.97 4.48 -0.18
N PHE B 119 -5.79 4.27 -0.76
CA PHE B 119 -4.58 4.23 0.05
C PHE B 119 -3.57 5.34 -0.21
N GLU B 120 -3.96 6.35 -0.97
CA GLU B 120 -3.06 7.47 -1.22
C GLU B 120 -3.47 8.55 -0.23
N LEU B 121 -3.16 8.32 1.04
CA LEU B 121 -3.50 9.25 2.10
C LEU B 121 -2.23 9.65 2.84
N ARG B 122 -2.39 10.53 3.82
CA ARG B 122 -1.26 11.00 4.61
C ARG B 122 -1.11 10.22 5.91
N LEU B 123 0.12 9.92 6.28
CA LEU B 123 0.38 9.21 7.52
C LEU B 123 0.01 10.15 8.67
N THR B 124 -0.42 9.59 9.80
CA THR B 124 -0.78 10.43 10.94
C THR B 124 -0.10 10.04 12.25
N ASP B 125 -0.86 9.38 13.12
CA ASP B 125 -0.35 8.99 14.42
C ASP B 125 0.46 7.71 14.41
N PRO B 126 1.43 7.60 15.31
CA PRO B 126 2.25 6.40 15.35
C PRO B 126 1.63 5.39 16.30
N VAL B 127 1.91 4.11 16.09
CA VAL B 127 1.43 3.08 16.99
C VAL B 127 2.54 3.05 18.03
N PRO B 128 2.19 3.24 19.31
CA PRO B 128 3.05 3.27 20.51
C PRO B 128 4.09 2.18 20.76
N ASN B 129 3.66 1.00 21.19
CA ASN B 129 4.62 -0.08 21.48
C ASN B 129 4.31 -1.37 20.75
N PRO B 130 5.32 -2.23 20.54
CA PRO B 130 5.16 -3.51 19.85
C PRO B 130 4.27 -4.47 20.60
#